data_1P7P
#
_entry.id   1P7P
#
_cell.length_a   78.360
_cell.length_b   45.000
_cell.length_c   85.950
_cell.angle_alpha   90.00
_cell.angle_beta   107.46
_cell.angle_gamma   90.00
#
_symmetry.space_group_name_H-M   'P 1 21 1'
#
loop_
_entity.id
_entity.type
_entity.pdbx_description
1 polymer 'Methionyl-tRNA synthetase'
2 non-polymer 'ZINC ION'
3 non-polymer '(1-AMINO-3-METHYLSULFANYL-PROPYL)-PHOSPHONIC ACID'
4 water water
#
_entity_poly.entity_id   1
_entity_poly.type   'polypeptide(L)'
_entity_poly.pdbx_seq_one_letter_code
;TQVAKKILVTCALPYANGSIHLGHMLEHIQADVWVRYQRMRGHEVNFICADDAHGTPIMLKAQQLGITPEQMIGEMSQEH
QTDFAGFNISYDNYHSTHSEENRQLSELIYSRLKENGFIKNRTISQLYDPEKGMFLPDRFVKGTCPKCKSPDQYGDNCEV
CGATYSPTELIEPKSVVSGATPVMRDSEHFFFDLPSFSEMLQAWTRSGALQEQVANKMQEWFESGLQQWDISRDAPYFGF
EIPNAPGKYFYVWLDAPIGYMGSFKNLCDKRGDSVSFDEYWKKDSTAELYHFIGKDIVYFHSLFWPAMLEGSNFRKPSNL
FVHGYVTVNGAKMSKSRGTFIKASTWLNHFDADSLRYYYTAKLSSRIDDIDLNLEDFVQRVNADIVNKVVNLASRNAGFI
NKRFDGVLASELADPQLYKTFTDAAEVIGEAWESREFGKAVREIMALADLANRYVDEQAPWVVAKQEGRDADLQAICSMG
INLFRVLMTYLKPVLPKLTERAEAFLNTELTWDGIQQPLLGHKVNPFKALYNRIDMRQVEALVEASKEEVK
;
_entity_poly.pdbx_strand_id   A
#
# COMPACT_ATOMS: atom_id res chain seq x y z
N ALA A 4 19.41 15.78 -4.76
CA ALA A 4 18.70 14.48 -4.98
C ALA A 4 18.65 13.67 -3.69
N LYS A 5 17.45 13.55 -3.13
CA LYS A 5 17.24 12.78 -1.91
C LYS A 5 17.30 11.30 -2.23
N LYS A 6 17.72 10.50 -1.26
CA LYS A 6 17.75 9.05 -1.39
C LYS A 6 16.61 8.61 -0.50
N ILE A 7 15.62 7.95 -1.08
CA ILE A 7 14.45 7.51 -0.32
C ILE A 7 14.14 6.04 -0.48
N LEU A 8 13.89 5.37 0.63
CA LEU A 8 13.52 3.95 0.62
C LEU A 8 12.08 3.91 1.16
N VAL A 9 11.15 3.45 0.33
CA VAL A 9 9.75 3.38 0.72
C VAL A 9 9.25 1.94 0.71
N THR A 10 8.46 1.57 1.72
CA THR A 10 7.91 0.23 1.77
C THR A 10 6.41 0.24 2.04
N CYS A 11 5.79 -0.90 1.75
CA CYS A 11 4.37 -1.14 2.03
C CYS A 11 4.47 -2.37 2.93
N ALA A 12 3.46 -2.60 3.76
CA ALA A 12 3.50 -3.77 4.63
C ALA A 12 3.58 -5.03 3.78
N LEU A 13 4.26 -6.05 4.30
CA LEU A 13 4.43 -7.30 3.58
C LEU A 13 3.16 -8.15 3.67
N PRO A 14 2.46 -8.36 2.54
CA PRO A 14 1.23 -9.16 2.55
C PRO A 14 1.47 -10.59 3.00
N TYR A 15 0.61 -11.10 3.88
CA TYR A 15 0.77 -12.48 4.34
C TYR A 15 0.56 -13.41 3.15
N ALA A 16 1.37 -14.45 3.07
CA ALA A 16 1.31 -15.40 1.96
C ALA A 16 0.16 -16.39 2.00
N ASN A 17 -0.76 -16.26 2.96
CA ASN A 17 -1.85 -17.20 3.03
C ASN A 17 -3.21 -16.63 2.62
N GLY A 18 -3.20 -15.58 1.82
CA GLY A 18 -4.44 -14.97 1.37
C GLY A 18 -4.27 -14.13 0.11
N SER A 19 -5.35 -13.99 -0.66
CA SER A 19 -5.28 -13.20 -1.89
C SER A 19 -5.33 -11.71 -1.57
N ILE A 20 -4.76 -10.90 -2.46
CA ILE A 20 -4.75 -9.46 -2.28
C ILE A 20 -6.17 -8.94 -2.44
N HIS A 21 -6.62 -8.09 -1.53
CA HIS A 21 -7.96 -7.53 -1.63
C HIS A 21 -7.93 -6.00 -1.62
N LEU A 22 -9.10 -5.37 -1.73
CA LEU A 22 -9.17 -3.91 -1.77
C LEU A 22 -8.48 -3.20 -0.60
N GLY A 23 -8.41 -3.88 0.54
CA GLY A 23 -7.75 -3.30 1.71
C GLY A 23 -6.27 -3.14 1.41
N HIS A 24 -5.65 -4.19 0.88
CA HIS A 24 -4.24 -4.12 0.52
C HIS A 24 -4.03 -3.04 -0.53
N MET A 25 -4.90 -3.00 -1.52
CA MET A 25 -4.75 -2.03 -2.59
C MET A 25 -4.75 -0.58 -2.15
N LEU A 26 -5.53 -0.24 -1.14
CA LEU A 26 -5.54 1.14 -0.65
C LEU A 26 -4.11 1.54 -0.26
N GLU A 27 -3.44 0.66 0.46
CA GLU A 27 -2.08 0.93 0.91
C GLU A 27 -1.04 1.01 -0.19
N HIS A 28 -1.05 0.03 -1.09
CA HIS A 28 -0.07 -0.01 -2.17
C HIS A 28 -0.28 1.09 -3.19
N ILE A 29 -1.53 1.49 -3.38
CA ILE A 29 -1.86 2.57 -4.29
C ILE A 29 -1.42 3.88 -3.65
N GLN A 30 -1.72 4.05 -2.36
CA GLN A 30 -1.31 5.28 -1.68
C GLN A 30 0.19 5.46 -1.77
N ALA A 31 0.93 4.39 -1.50
CA ALA A 31 2.38 4.47 -1.54
C ALA A 31 2.90 4.69 -2.96
N ASP A 32 2.31 4.00 -3.93
CA ASP A 32 2.74 4.14 -5.32
C ASP A 32 2.53 5.55 -5.85
N VAL A 33 1.44 6.20 -5.46
CA VAL A 33 1.20 7.56 -5.91
C VAL A 33 2.31 8.46 -5.36
N TRP A 34 2.63 8.27 -4.08
CA TRP A 34 3.66 9.08 -3.43
C TRP A 34 5.02 8.81 -4.09
N VAL A 35 5.33 7.53 -4.30
CA VAL A 35 6.59 7.12 -4.91
C VAL A 35 6.75 7.68 -6.32
N ARG A 36 5.69 7.61 -7.13
CA ARG A 36 5.78 8.12 -8.50
C ARG A 36 6.00 9.62 -8.45
N TYR A 37 5.38 10.30 -7.49
CA TYR A 37 5.57 11.74 -7.40
C TYR A 37 7.03 12.03 -7.07
N GLN A 38 7.59 11.31 -6.09
CA GLN A 38 8.98 11.52 -5.72
C GLN A 38 9.93 11.29 -6.89
N ARG A 39 9.63 10.30 -7.72
CA ARG A 39 10.47 10.04 -8.89
C ARG A 39 10.35 11.20 -9.88
N MET A 40 9.16 11.76 -10.00
CA MET A 40 8.95 12.89 -10.91
C MET A 40 9.75 14.10 -10.48
N ARG A 41 9.99 14.24 -9.18
CA ARG A 41 10.76 15.37 -8.69
C ARG A 41 12.27 15.11 -8.70
N GLY A 42 12.67 14.01 -9.36
CA GLY A 42 14.07 13.68 -9.52
C GLY A 42 14.85 13.00 -8.40
N HIS A 43 14.16 12.48 -7.39
CA HIS A 43 14.85 11.83 -6.29
C HIS A 43 15.20 10.38 -6.59
N GLU A 44 16.17 9.85 -5.85
CA GLU A 44 16.56 8.44 -6.00
C GLU A 44 15.60 7.72 -5.07
N VAL A 45 14.69 6.94 -5.67
CA VAL A 45 13.68 6.24 -4.90
C VAL A 45 13.78 4.72 -5.02
N ASN A 46 13.60 4.04 -3.91
CA ASN A 46 13.62 2.58 -3.87
C ASN A 46 12.34 2.13 -3.19
N PHE A 47 11.41 1.63 -4.01
CA PHE A 47 10.10 1.16 -3.54
C PHE A 47 10.24 -0.35 -3.31
N ILE A 48 10.17 -0.74 -2.04
CA ILE A 48 10.40 -2.11 -1.61
C ILE A 48 9.22 -2.81 -0.93
N CYS A 49 9.04 -4.10 -1.23
CA CYS A 49 7.99 -4.89 -0.61
C CYS A 49 8.38 -6.36 -0.71
N ALA A 50 7.48 -7.23 -0.27
CA ALA A 50 7.73 -8.67 -0.29
C ALA A 50 6.57 -9.35 0.40
N ASP A 51 6.49 -10.68 0.25
CA ASP A 51 5.45 -11.48 0.89
C ASP A 51 5.95 -11.90 2.28
N ASP A 52 5.05 -11.87 3.26
CA ASP A 52 5.35 -12.30 4.63
C ASP A 52 4.98 -13.78 4.58
N ALA A 53 6.00 -14.64 4.50
CA ALA A 53 5.77 -16.07 4.32
C ALA A 53 5.97 -17.08 5.44
N HIS A 54 6.20 -16.63 6.67
CA HIS A 54 6.43 -17.56 7.77
C HIS A 54 5.23 -17.67 8.72
N GLY A 55 5.27 -18.68 9.60
CA GLY A 55 4.20 -18.83 10.56
C GLY A 55 3.47 -20.15 10.59
N THR A 56 2.89 -20.45 11.75
CA THR A 56 2.13 -21.67 11.95
C THR A 56 0.96 -21.79 10.99
N PRO A 57 0.19 -20.71 10.80
CA PRO A 57 -0.96 -20.76 9.88
C PRO A 57 -0.54 -21.24 8.49
N ILE A 58 0.59 -20.73 8.01
CA ILE A 58 1.11 -21.10 6.71
C ILE A 58 1.57 -22.56 6.70
N MET A 59 2.23 -22.97 7.76
CA MET A 59 2.73 -24.34 7.87
C MET A 59 1.57 -25.34 7.77
N LEU A 60 0.53 -25.11 8.56
CA LEU A 60 -0.63 -25.99 8.57
C LEU A 60 -1.38 -26.02 7.25
N LYS A 61 -1.60 -24.85 6.65
CA LYS A 61 -2.32 -24.81 5.38
C LYS A 61 -1.60 -25.64 4.33
N ALA A 62 -0.28 -25.52 4.27
CA ALA A 62 0.49 -26.30 3.31
C ALA A 62 0.25 -27.79 3.56
N GLN A 63 0.31 -28.19 4.82
CA GLN A 63 0.11 -29.58 5.19
C GLN A 63 -1.27 -30.09 4.78
N GLN A 64 -2.28 -29.23 4.86
CA GLN A 64 -3.63 -29.62 4.48
C GLN A 64 -3.71 -29.82 2.98
N LEU A 65 -3.16 -28.87 2.23
CA LEU A 65 -3.17 -28.92 0.78
C LEU A 65 -2.26 -30.02 0.23
N GLY A 66 -1.46 -30.62 1.11
CA GLY A 66 -0.58 -31.69 0.71
C GLY A 66 0.69 -31.26 -0.02
N ILE A 67 1.07 -30.00 0.11
CA ILE A 67 2.27 -29.49 -0.54
C ILE A 67 3.22 -28.83 0.44
N THR A 68 4.49 -28.69 0.03
CA THR A 68 5.49 -28.06 0.88
C THR A 68 5.13 -26.59 1.08
N PRO A 69 5.52 -26.01 2.23
CA PRO A 69 5.21 -24.60 2.47
C PRO A 69 5.89 -23.76 1.39
N GLU A 70 7.04 -24.23 0.92
CA GLU A 70 7.79 -23.54 -0.10
C GLU A 70 6.98 -23.42 -1.40
N GLN A 71 6.35 -24.51 -1.81
CA GLN A 71 5.56 -24.49 -3.03
C GLN A 71 4.36 -23.57 -2.88
N MET A 72 3.68 -23.65 -1.74
CA MET A 72 2.51 -22.84 -1.49
C MET A 72 2.81 -21.34 -1.49
N ILE A 73 3.85 -20.93 -0.78
CA ILE A 73 4.19 -19.50 -0.74
C ILE A 73 4.69 -19.05 -2.10
N GLY A 74 5.35 -19.94 -2.82
CA GLY A 74 5.84 -19.58 -4.13
C GLY A 74 4.68 -19.23 -5.05
N GLU A 75 3.62 -20.04 -4.95
CA GLU A 75 2.44 -19.81 -5.77
C GLU A 75 1.74 -18.51 -5.35
N MET A 76 1.61 -18.29 -4.05
CA MET A 76 0.97 -17.07 -3.57
C MET A 76 1.78 -15.82 -3.93
N SER A 77 3.11 -15.94 -3.91
CA SER A 77 3.97 -14.81 -4.24
C SER A 77 3.69 -14.39 -5.69
N GLN A 78 3.59 -15.37 -6.58
CA GLN A 78 3.32 -15.10 -7.97
C GLN A 78 1.93 -14.47 -8.12
N GLU A 79 0.96 -15.00 -7.37
CA GLU A 79 -0.40 -14.46 -7.44
C GLU A 79 -0.40 -13.01 -7.00
N HIS A 80 0.21 -12.74 -5.84
CA HIS A 80 0.27 -11.37 -5.34
C HIS A 80 0.93 -10.41 -6.32
N GLN A 81 2.06 -10.80 -6.89
CA GLN A 81 2.75 -9.91 -7.80
C GLN A 81 2.02 -9.68 -9.11
N THR A 82 1.23 -10.66 -9.55
CA THR A 82 0.47 -10.48 -10.78
C THR A 82 -0.62 -9.42 -10.53
N ASP A 83 -1.25 -9.50 -9.35
CA ASP A 83 -2.29 -8.56 -9.00
C ASP A 83 -1.72 -7.15 -8.85
N PHE A 84 -0.66 -7.00 -8.07
CA PHE A 84 -0.04 -5.69 -7.89
C PHE A 84 0.41 -5.11 -9.23
N ALA A 85 0.93 -5.97 -10.10
CA ALA A 85 1.38 -5.55 -11.43
C ALA A 85 0.18 -5.00 -12.22
N GLY A 86 -0.97 -5.63 -12.03
CA GLY A 86 -2.18 -5.21 -12.72
C GLY A 86 -2.63 -3.82 -12.28
N PHE A 87 -2.23 -3.41 -11.09
CA PHE A 87 -2.59 -2.08 -10.60
C PHE A 87 -1.43 -1.13 -10.78
N ASN A 88 -0.40 -1.60 -11.49
CA ASN A 88 0.78 -0.81 -11.77
C ASN A 88 1.49 -0.24 -10.54
N ILE A 89 1.66 -1.08 -9.53
CA ILE A 89 2.38 -0.67 -8.33
C ILE A 89 3.84 -0.84 -8.74
N SER A 90 4.55 0.28 -8.86
CA SER A 90 5.93 0.32 -9.32
C SER A 90 7.09 -0.10 -8.42
N TYR A 91 6.99 -1.27 -7.79
CA TYR A 91 8.08 -1.70 -6.91
C TYR A 91 9.41 -1.79 -7.64
N ASP A 92 10.49 -1.50 -6.92
CA ASP A 92 11.82 -1.63 -7.48
C ASP A 92 12.24 -3.05 -7.14
N ASN A 93 11.60 -3.62 -6.13
CA ASN A 93 11.87 -5.00 -5.73
C ASN A 93 10.75 -5.56 -4.86
N TYR A 94 10.35 -6.79 -5.17
CA TYR A 94 9.33 -7.50 -4.42
C TYR A 94 9.98 -8.85 -4.09
N HIS A 95 10.36 -9.03 -2.82
CA HIS A 95 11.04 -10.25 -2.40
C HIS A 95 10.18 -11.15 -1.51
N SER A 96 10.80 -11.76 -0.50
CA SER A 96 10.10 -12.64 0.42
C SER A 96 10.81 -12.68 1.76
N THR A 97 10.05 -12.86 2.83
CA THR A 97 10.66 -12.95 4.15
C THR A 97 11.37 -14.31 4.24
N HIS A 98 10.99 -15.24 3.37
CA HIS A 98 11.62 -16.55 3.35
C HIS A 98 12.70 -16.49 2.28
N SER A 99 13.85 -15.95 2.65
CA SER A 99 14.97 -15.78 1.73
C SER A 99 16.27 -15.81 2.52
N GLU A 100 17.38 -16.02 1.82
CA GLU A 100 18.68 -16.09 2.48
C GLU A 100 19.05 -14.72 3.04
N GLU A 101 18.68 -13.66 2.33
CA GLU A 101 18.99 -12.31 2.80
C GLU A 101 18.28 -12.07 4.14
N ASN A 102 17.02 -12.45 4.23
CA ASN A 102 16.29 -12.23 5.47
C ASN A 102 16.79 -13.15 6.57
N ARG A 103 17.16 -14.38 6.21
CA ARG A 103 17.68 -15.30 7.22
C ARG A 103 18.95 -14.73 7.84
N GLN A 104 19.88 -14.27 7.01
CA GLN A 104 21.13 -13.72 7.55
C GLN A 104 20.92 -12.45 8.35
N LEU A 105 20.06 -11.56 7.89
CA LEU A 105 19.80 -10.32 8.61
C LEU A 105 19.07 -10.58 9.93
N SER A 106 18.17 -11.56 9.94
CA SER A 106 17.44 -11.87 11.17
C SER A 106 18.41 -12.45 12.20
N GLU A 107 19.31 -13.33 11.75
CA GLU A 107 20.28 -13.93 12.66
C GLU A 107 21.25 -12.86 13.16
N LEU A 108 21.61 -11.93 12.28
CA LEU A 108 22.54 -10.85 12.63
C LEU A 108 21.94 -9.95 13.71
N ILE A 109 20.74 -9.44 13.44
CA ILE A 109 20.06 -8.57 14.37
C ILE A 109 19.82 -9.27 15.69
N TYR A 110 19.42 -10.55 15.64
CA TYR A 110 19.20 -11.29 16.87
C TYR A 110 20.49 -11.39 17.69
N SER A 111 21.58 -11.76 17.03
CA SER A 111 22.86 -11.91 17.70
C SER A 111 23.31 -10.59 18.33
N ARG A 112 23.10 -9.50 17.62
CA ARG A 112 23.48 -8.19 18.14
C ARG A 112 22.62 -7.82 19.34
N LEU A 113 21.32 -8.12 19.27
CA LEU A 113 20.42 -7.83 20.39
C LEU A 113 20.81 -8.67 21.60
N LYS A 114 21.14 -9.93 21.35
CA LYS A 114 21.51 -10.84 22.42
C LYS A 114 22.82 -10.37 23.04
N GLU A 115 23.79 -10.07 22.19
CA GLU A 115 25.11 -9.60 22.61
C GLU A 115 24.98 -8.30 23.41
N ASN A 116 24.02 -7.47 23.04
CA ASN A 116 23.80 -6.20 23.72
C ASN A 116 22.94 -6.33 24.98
N GLY A 117 22.57 -7.56 25.31
CA GLY A 117 21.78 -7.82 26.50
C GLY A 117 20.30 -7.56 26.40
N PHE A 118 19.76 -7.53 25.18
CA PHE A 118 18.35 -7.27 24.99
C PHE A 118 17.47 -8.51 24.82
N ILE A 119 18.06 -9.68 24.97
CA ILE A 119 17.31 -10.93 24.84
C ILE A 119 17.29 -11.69 26.17
N LYS A 120 16.10 -12.05 26.62
CA LYS A 120 15.94 -12.76 27.88
C LYS A 120 15.31 -14.14 27.65
N ASN A 121 15.69 -15.10 28.48
CA ASN A 121 15.14 -16.45 28.40
C ASN A 121 14.10 -16.61 29.48
N ARG A 122 12.95 -17.19 29.15
CA ARG A 122 11.89 -17.37 30.12
C ARG A 122 11.01 -18.56 29.77
N THR A 123 10.59 -19.30 30.79
CA THR A 123 9.74 -20.46 30.59
C THR A 123 8.27 -20.06 30.69
N ILE A 124 7.46 -20.57 29.77
CA ILE A 124 6.04 -20.28 29.75
C ILE A 124 5.25 -21.56 29.57
N SER A 125 3.96 -21.53 29.90
CA SER A 125 3.10 -22.69 29.76
C SER A 125 2.10 -22.37 28.65
N GLN A 126 1.86 -23.35 27.78
CA GLN A 126 0.93 -23.16 26.66
C GLN A 126 0.26 -24.47 26.29
N LEU A 127 -0.97 -24.39 25.78
CA LEU A 127 -1.71 -25.58 25.37
C LEU A 127 -0.86 -26.32 24.33
N TYR A 128 -0.84 -27.64 24.44
CA TYR A 128 -0.04 -28.47 23.55
C TYR A 128 -0.82 -29.68 23.03
N ASP A 129 -0.76 -29.90 21.72
CA ASP A 129 -1.42 -31.03 21.09
C ASP A 129 -0.44 -32.19 21.19
N PRO A 130 -0.69 -33.14 22.10
CA PRO A 130 0.19 -34.31 22.28
C PRO A 130 0.18 -35.27 21.11
N GLU A 131 -0.93 -35.31 20.37
CA GLU A 131 -1.05 -36.20 19.22
C GLU A 131 -0.22 -35.64 18.06
N LYS A 132 -0.59 -34.45 17.60
CA LYS A 132 0.12 -33.79 16.51
C LYS A 132 1.55 -33.46 16.97
N GLY A 133 1.70 -33.20 18.26
CA GLY A 133 3.01 -32.87 18.81
C GLY A 133 3.42 -31.44 18.51
N MET A 134 2.57 -30.48 18.87
CA MET A 134 2.87 -29.07 18.61
C MET A 134 2.07 -28.15 19.53
N PHE A 135 2.68 -27.04 19.92
CA PHE A 135 2.00 -26.08 20.77
C PHE A 135 0.92 -25.44 19.89
N LEU A 136 -0.23 -25.14 20.48
CA LEU A 136 -1.33 -24.56 19.73
C LEU A 136 -1.59 -23.07 19.95
N PRO A 137 -1.54 -22.28 18.88
CA PRO A 137 -1.81 -20.85 19.07
C PRO A 137 -3.28 -20.83 19.47
N ASP A 138 -3.73 -19.77 20.14
CA ASP A 138 -5.13 -19.69 20.56
C ASP A 138 -6.17 -20.10 19.53
N ARG A 139 -6.08 -19.55 18.32
CA ARG A 139 -7.05 -19.85 17.28
C ARG A 139 -7.15 -21.31 16.84
N PHE A 140 -6.20 -22.13 17.26
CA PHE A 140 -6.24 -23.55 16.88
C PHE A 140 -6.72 -24.42 18.03
N VAL A 141 -7.41 -23.78 18.97
CA VAL A 141 -7.97 -24.49 20.10
C VAL A 141 -9.48 -24.22 20.11
N LYS A 142 -10.28 -25.27 20.16
CA LYS A 142 -11.73 -25.11 20.20
C LYS A 142 -12.34 -25.92 21.33
N GLY A 143 -13.47 -25.45 21.83
CA GLY A 143 -14.14 -26.12 22.92
C GLY A 143 -15.48 -25.50 23.21
N THR A 144 -16.00 -25.76 24.41
CA THR A 144 -17.29 -25.23 24.82
C THR A 144 -17.10 -23.99 25.68
N CYS A 145 -17.83 -22.92 25.36
CA CYS A 145 -17.73 -21.68 26.10
C CYS A 145 -18.03 -21.91 27.57
N PRO A 146 -17.13 -21.45 28.46
CA PRO A 146 -17.25 -21.60 29.91
C PRO A 146 -18.50 -20.91 30.47
N LYS A 147 -18.91 -19.84 29.81
CA LYS A 147 -20.07 -19.06 30.26
C LYS A 147 -21.43 -19.59 29.80
N CYS A 148 -21.70 -19.51 28.51
CA CYS A 148 -23.00 -19.95 27.99
C CYS A 148 -23.06 -21.44 27.64
N LYS A 149 -21.92 -22.10 27.61
CA LYS A 149 -21.85 -23.53 27.30
C LYS A 149 -22.09 -23.87 25.83
N SER A 150 -21.93 -22.89 24.95
CA SER A 150 -22.12 -23.14 23.51
C SER A 150 -20.92 -23.91 22.99
N PRO A 151 -21.17 -24.99 22.21
CA PRO A 151 -20.08 -25.80 21.66
C PRO A 151 -19.40 -25.17 20.45
N ASP A 152 -18.32 -25.81 20.02
CA ASP A 152 -17.55 -25.39 18.85
C ASP A 152 -17.08 -23.95 18.78
N GLN A 153 -16.59 -23.42 19.90
CA GLN A 153 -16.09 -22.05 19.91
C GLN A 153 -14.57 -22.10 19.72
N TYR A 154 -14.01 -21.10 19.05
CA TYR A 154 -12.58 -21.06 18.79
C TYR A 154 -11.83 -19.91 19.48
N GLY A 155 -10.61 -20.19 19.89
CA GLY A 155 -9.78 -19.17 20.53
C GLY A 155 -10.20 -18.67 21.90
N ASP A 156 -9.95 -17.39 22.14
CA ASP A 156 -10.25 -16.76 23.41
C ASP A 156 -11.60 -16.04 23.49
N ASN A 157 -12.52 -16.34 22.58
CA ASN A 157 -13.82 -15.68 22.61
C ASN A 157 -14.95 -16.53 22.06
N CYS A 158 -16.15 -16.29 22.59
CA CYS A 158 -17.34 -17.00 22.17
C CYS A 158 -18.13 -16.15 21.19
N GLU A 159 -18.52 -16.75 20.07
CA GLU A 159 -19.28 -16.03 19.06
C GLU A 159 -20.78 -16.12 19.31
N VAL A 160 -21.15 -16.65 20.47
CA VAL A 160 -22.55 -16.76 20.84
C VAL A 160 -22.86 -15.69 21.87
N CYS A 161 -22.29 -15.82 23.07
CA CYS A 161 -22.55 -14.84 24.12
C CYS A 161 -21.55 -13.67 24.12
N GLY A 162 -20.52 -13.79 23.29
CA GLY A 162 -19.52 -12.73 23.19
C GLY A 162 -18.51 -12.70 24.32
N ALA A 163 -18.53 -13.72 25.17
CA ALA A 163 -17.60 -13.76 26.30
C ALA A 163 -16.17 -13.96 25.81
N THR A 164 -15.22 -13.40 26.55
CA THR A 164 -13.81 -13.52 26.23
C THR A 164 -13.16 -14.27 27.39
N TYR A 165 -12.10 -15.01 27.10
CA TYR A 165 -11.43 -15.80 28.14
C TYR A 165 -10.20 -16.50 27.58
N SER A 166 -9.40 -17.08 28.47
CA SER A 166 -8.21 -17.80 28.02
C SER A 166 -8.68 -19.15 27.48
N PRO A 167 -8.06 -19.62 26.38
CA PRO A 167 -8.46 -20.92 25.81
C PRO A 167 -8.42 -22.03 26.85
N THR A 168 -7.65 -21.84 27.91
CA THR A 168 -7.52 -22.83 28.98
C THR A 168 -8.83 -22.95 29.76
N GLU A 169 -9.72 -21.98 29.58
CA GLU A 169 -10.99 -21.99 30.27
C GLU A 169 -12.06 -22.74 29.48
N LEU A 170 -11.76 -23.04 28.22
CA LEU A 170 -12.70 -23.77 27.38
C LEU A 170 -13.02 -25.13 27.97
N ILE A 171 -14.29 -25.53 27.87
CA ILE A 171 -14.74 -26.81 28.38
C ILE A 171 -14.52 -27.86 27.29
N GLU A 172 -13.95 -29.01 27.68
CA GLU A 172 -13.68 -30.08 26.72
C GLU A 172 -12.93 -29.56 25.49
N PRO A 173 -11.71 -29.03 25.70
CA PRO A 173 -10.88 -28.48 24.62
C PRO A 173 -10.50 -29.53 23.59
N LYS A 174 -10.32 -29.10 22.35
CA LYS A 174 -9.94 -30.00 21.27
C LYS A 174 -9.03 -29.27 20.29
N SER A 175 -7.99 -29.96 19.84
CA SER A 175 -7.07 -29.34 18.88
C SER A 175 -7.78 -29.23 17.54
N VAL A 176 -7.70 -28.06 16.91
CA VAL A 176 -8.33 -27.85 15.62
C VAL A 176 -7.55 -28.62 14.57
N VAL A 177 -6.31 -28.95 14.90
CA VAL A 177 -5.44 -29.69 13.99
C VAL A 177 -5.67 -31.20 13.97
N SER A 178 -5.75 -31.81 15.15
CA SER A 178 -5.92 -33.26 15.23
C SER A 178 -7.19 -33.71 15.95
N GLY A 179 -7.80 -32.83 16.72
CA GLY A 179 -9.00 -33.19 17.45
C GLY A 179 -8.69 -33.79 18.81
N ALA A 180 -7.40 -34.02 19.10
CA ALA A 180 -7.01 -34.59 20.38
C ALA A 180 -7.20 -33.53 21.47
N THR A 181 -7.20 -33.96 22.73
CA THR A 181 -7.36 -33.05 23.85
C THR A 181 -6.01 -32.42 24.18
N PRO A 182 -5.92 -31.08 24.12
CA PRO A 182 -4.66 -30.39 24.42
C PRO A 182 -4.36 -30.35 25.91
N VAL A 183 -3.06 -30.31 26.24
CA VAL A 183 -2.63 -30.26 27.63
C VAL A 183 -1.61 -29.14 27.80
N MET A 184 -1.50 -28.62 29.03
CA MET A 184 -0.54 -27.56 29.32
C MET A 184 0.86 -28.14 29.32
N ARG A 185 1.80 -27.44 28.69
CA ARG A 185 3.18 -27.91 28.61
C ARG A 185 4.12 -26.71 28.71
N ASP A 186 5.26 -26.91 29.37
CA ASP A 186 6.26 -25.85 29.54
C ASP A 186 7.17 -25.78 28.32
N SER A 187 7.82 -24.63 28.15
CA SER A 187 8.76 -24.44 27.04
C SER A 187 9.53 -23.15 27.23
N GLU A 188 10.83 -23.18 26.99
CA GLU A 188 11.66 -22.00 27.13
C GLU A 188 11.46 -21.10 25.92
N HIS A 189 11.27 -19.81 26.18
CA HIS A 189 11.08 -18.84 25.12
C HIS A 189 12.08 -17.69 25.25
N PHE A 190 12.33 -17.02 24.15
CA PHE A 190 13.27 -15.90 24.11
C PHE A 190 12.44 -14.63 23.98
N PHE A 191 12.76 -13.63 24.78
CA PHE A 191 12.03 -12.36 24.76
C PHE A 191 12.93 -11.17 24.46
N PHE A 192 12.42 -10.25 23.65
CA PHE A 192 13.15 -9.04 23.32
C PHE A 192 12.75 -8.03 24.37
N ASP A 193 13.74 -7.39 24.99
CA ASP A 193 13.46 -6.45 26.06
C ASP A 193 13.04 -5.06 25.58
N LEU A 194 11.84 -4.98 25.01
CA LEU A 194 11.30 -3.73 24.52
C LEU A 194 11.30 -2.64 25.59
N PRO A 195 10.97 -2.99 26.85
CA PRO A 195 10.94 -1.98 27.92
C PRO A 195 12.21 -1.14 28.07
N SER A 196 13.35 -1.70 27.70
CA SER A 196 14.62 -0.98 27.80
C SER A 196 14.69 0.24 26.90
N PHE A 197 13.89 0.24 25.83
CA PHE A 197 13.89 1.34 24.89
C PHE A 197 12.76 2.34 25.12
N SER A 198 12.11 2.24 26.27
CA SER A 198 11.01 3.13 26.60
C SER A 198 11.29 4.62 26.38
N GLU A 199 12.32 5.14 27.03
CA GLU A 199 12.63 6.56 26.89
C GLU A 199 12.96 6.96 25.45
N MET A 200 13.70 6.11 24.76
CA MET A 200 14.07 6.37 23.37
C MET A 200 12.81 6.48 22.52
N LEU A 201 11.88 5.55 22.72
CA LEU A 201 10.64 5.53 21.98
C LEU A 201 9.73 6.71 22.33
N GLN A 202 9.71 7.09 23.60
CA GLN A 202 8.88 8.21 24.02
C GLN A 202 9.36 9.50 23.35
N ALA A 203 10.67 9.65 23.24
CA ALA A 203 11.22 10.84 22.60
C ALA A 203 10.85 10.82 21.12
N TRP A 204 10.96 9.65 20.51
CA TRP A 204 10.64 9.49 19.10
C TRP A 204 9.18 9.88 18.86
N THR A 205 8.30 9.51 19.79
CA THR A 205 6.88 9.81 19.69
C THR A 205 6.55 11.31 19.74
N ARG A 206 7.20 12.01 20.65
CA ARG A 206 6.92 13.43 20.83
C ARG A 206 7.73 14.37 19.93
N SER A 207 8.53 13.81 19.02
CA SER A 207 9.34 14.65 18.13
C SER A 207 8.50 15.44 17.14
N GLY A 208 7.27 14.96 16.90
CA GLY A 208 6.39 15.65 15.96
C GLY A 208 6.50 15.13 14.54
N ALA A 209 7.25 14.04 14.36
CA ALA A 209 7.41 13.44 13.05
C ALA A 209 6.19 12.58 12.72
N LEU A 210 5.86 11.67 13.63
CA LEU A 210 4.72 10.78 13.44
C LEU A 210 3.42 11.54 13.37
N GLN A 211 2.41 10.90 12.77
CA GLN A 211 1.09 11.50 12.65
C GLN A 211 0.53 11.70 14.06
N GLU A 212 -0.19 12.80 14.24
CA GLU A 212 -0.77 13.14 15.53
C GLU A 212 -1.56 11.96 16.13
N GLN A 213 -2.42 11.34 15.33
CA GLN A 213 -3.23 10.23 15.81
C GLN A 213 -2.39 9.04 16.24
N VAL A 214 -1.28 8.82 15.54
CA VAL A 214 -0.38 7.71 15.87
C VAL A 214 0.31 8.01 17.19
N ALA A 215 0.78 9.24 17.36
CA ALA A 215 1.44 9.62 18.60
C ALA A 215 0.48 9.42 19.78
N ASN A 216 -0.78 9.81 19.59
CA ASN A 216 -1.77 9.65 20.63
C ASN A 216 -1.91 8.18 21.01
N LYS A 217 -2.01 7.31 20.01
CA LYS A 217 -2.13 5.88 20.27
C LYS A 217 -0.94 5.38 21.06
N MET A 218 0.24 5.85 20.68
CA MET A 218 1.47 5.43 21.36
C MET A 218 1.47 5.81 22.83
N GLN A 219 0.91 6.98 23.15
CA GLN A 219 0.86 7.41 24.55
C GLN A 219 -0.01 6.41 25.32
N GLU A 220 -1.05 5.90 24.67
CA GLU A 220 -1.93 4.93 25.32
C GLU A 220 -1.12 3.69 25.65
N TRP A 221 -0.27 3.27 24.72
CA TRP A 221 0.53 2.08 24.92
C TRP A 221 1.60 2.26 25.99
N PHE A 222 2.19 3.44 26.07
CA PHE A 222 3.20 3.70 27.11
C PHE A 222 2.49 3.67 28.46
N GLU A 223 1.29 4.24 28.50
CA GLU A 223 0.48 4.28 29.71
C GLU A 223 0.16 2.86 30.19
N SER A 224 -0.24 2.00 29.25
CA SER A 224 -0.55 0.63 29.58
C SER A 224 0.71 -0.08 30.07
N GLY A 225 1.85 0.37 29.58
CA GLY A 225 3.11 -0.21 29.98
C GLY A 225 3.67 -1.19 28.97
N LEU A 226 4.91 -0.97 28.54
CA LEU A 226 5.54 -1.85 27.58
C LEU A 226 5.96 -3.14 28.30
N GLN A 227 5.89 -4.26 27.57
CA GLN A 227 6.25 -5.55 28.13
C GLN A 227 7.31 -6.21 27.25
N GLN A 228 7.96 -7.23 27.77
CA GLN A 228 8.96 -7.95 26.98
C GLN A 228 8.19 -8.65 25.88
N TRP A 229 8.84 -8.87 24.75
CA TRP A 229 8.18 -9.48 23.60
C TRP A 229 8.70 -10.87 23.28
N ASP A 230 7.79 -11.85 23.29
CA ASP A 230 8.12 -13.25 22.99
C ASP A 230 8.41 -13.35 21.51
N ILE A 231 9.68 -13.58 21.16
CA ILE A 231 10.05 -13.67 19.76
C ILE A 231 10.47 -15.07 19.29
N SER A 232 10.14 -16.08 20.09
CA SER A 232 10.49 -17.45 19.71
C SER A 232 9.26 -18.36 19.64
N ARG A 233 9.34 -19.37 18.79
CA ARG A 233 8.27 -20.34 18.63
C ARG A 233 8.90 -21.73 18.51
N ASP A 234 8.23 -22.74 19.06
CA ASP A 234 8.75 -24.09 19.00
C ASP A 234 8.42 -24.82 17.71
N ALA A 235 9.23 -25.80 17.38
CA ALA A 235 8.99 -26.61 16.19
C ALA A 235 7.79 -27.47 16.59
N PRO A 236 7.00 -27.94 15.61
CA PRO A 236 7.16 -27.71 14.17
C PRO A 236 6.77 -26.28 13.83
N TYR A 237 7.53 -25.66 12.94
CA TYR A 237 7.25 -24.29 12.54
C TYR A 237 7.86 -24.03 11.17
N PHE A 238 7.29 -23.08 10.44
CA PHE A 238 7.83 -22.73 9.14
C PHE A 238 8.44 -21.36 9.31
N GLY A 239 9.76 -21.33 9.49
CA GLY A 239 10.44 -20.08 9.68
C GLY A 239 11.93 -20.29 9.85
N PHE A 240 12.58 -19.30 10.47
CA PHE A 240 14.01 -19.32 10.70
C PHE A 240 14.41 -19.92 12.04
N GLU A 241 15.28 -20.93 12.00
CA GLU A 241 15.76 -21.57 13.22
C GLU A 241 16.65 -20.59 13.97
N ILE A 242 16.55 -20.58 15.29
CA ILE A 242 17.37 -19.67 16.08
C ILE A 242 18.75 -20.26 16.34
N PRO A 243 19.81 -19.49 16.09
CA PRO A 243 21.19 -19.96 16.31
C PRO A 243 21.38 -20.47 17.73
N ASN A 244 22.05 -21.61 17.86
CA ASN A 244 22.35 -22.17 19.18
C ASN A 244 21.12 -22.60 19.98
N ALA A 245 19.96 -22.61 19.34
CA ALA A 245 18.73 -23.00 20.03
C ALA A 245 17.94 -24.03 19.23
N PRO A 246 18.43 -25.28 19.20
CA PRO A 246 17.76 -26.36 18.47
C PRO A 246 16.28 -26.44 18.80
N GLY A 247 15.45 -26.62 17.78
CA GLY A 247 14.01 -26.73 17.99
C GLY A 247 13.28 -25.43 18.22
N LYS A 248 14.01 -24.31 18.20
CA LYS A 248 13.41 -23.00 18.40
C LYS A 248 13.50 -22.15 17.13
N TYR A 249 12.44 -21.42 16.83
CA TYR A 249 12.39 -20.56 15.64
C TYR A 249 12.04 -19.13 16.01
N PHE A 250 12.40 -18.20 15.14
CA PHE A 250 12.07 -16.80 15.36
C PHE A 250 10.58 -16.65 15.02
N TYR A 251 9.84 -16.01 15.92
CA TYR A 251 8.42 -15.78 15.68
C TYR A 251 8.34 -14.93 14.42
N VAL A 252 7.32 -15.18 13.59
CA VAL A 252 7.15 -14.48 12.32
C VAL A 252 7.28 -12.96 12.39
N TRP A 253 6.67 -12.33 13.39
CA TRP A 253 6.73 -10.88 13.49
C TRP A 253 8.12 -10.32 13.82
N LEU A 254 9.04 -11.19 14.18
CA LEU A 254 10.40 -10.74 14.46
C LEU A 254 11.12 -10.62 13.11
N ASP A 255 10.94 -11.62 12.24
CA ASP A 255 11.61 -11.60 10.94
C ASP A 255 10.88 -10.81 9.85
N ALA A 256 9.58 -10.59 10.01
CA ALA A 256 8.80 -9.87 9.01
C ALA A 256 9.33 -8.48 8.64
N PRO A 257 9.49 -7.58 9.63
CA PRO A 257 10.01 -6.25 9.29
C PRO A 257 11.46 -6.30 8.81
N ILE A 258 12.21 -7.28 9.28
CA ILE A 258 13.59 -7.42 8.85
C ILE A 258 13.52 -7.73 7.34
N GLY A 259 12.34 -8.20 6.91
CA GLY A 259 12.14 -8.50 5.51
C GLY A 259 12.28 -7.27 4.64
N TYR A 260 12.04 -6.08 5.21
CA TYR A 260 12.18 -4.83 4.47
C TYR A 260 13.66 -4.72 4.07
N MET A 261 14.52 -4.98 5.03
CA MET A 261 15.95 -4.92 4.83
C MET A 261 16.36 -6.04 3.86
N GLY A 262 15.84 -7.24 4.09
CA GLY A 262 16.15 -8.37 3.25
C GLY A 262 15.84 -8.10 1.79
N SER A 263 14.67 -7.50 1.55
CA SER A 263 14.26 -7.19 0.19
C SER A 263 15.19 -6.15 -0.45
N PHE A 264 15.66 -5.17 0.32
CA PHE A 264 16.56 -4.17 -0.23
C PHE A 264 17.95 -4.75 -0.46
N LYS A 265 18.41 -5.61 0.44
CA LYS A 265 19.71 -6.23 0.25
C LYS A 265 19.64 -7.07 -1.01
N ASN A 266 18.53 -7.76 -1.20
CA ASN A 266 18.34 -8.58 -2.40
C ASN A 266 18.43 -7.70 -3.65
N LEU A 267 17.79 -6.55 -3.62
CA LEU A 267 17.83 -5.64 -4.77
C LEU A 267 19.25 -5.17 -5.03
N CYS A 268 19.95 -4.78 -3.97
CA CYS A 268 21.32 -4.32 -4.12
C CYS A 268 22.22 -5.42 -4.68
N ASP A 269 22.09 -6.62 -4.15
CA ASP A 269 22.90 -7.74 -4.61
C ASP A 269 22.62 -8.06 -6.08
N LYS A 270 21.35 -8.03 -6.47
CA LYS A 270 21.01 -8.33 -7.86
C LYS A 270 21.56 -7.26 -8.79
N ARG A 271 21.69 -6.04 -8.29
CA ARG A 271 22.21 -4.93 -9.09
C ARG A 271 23.75 -4.89 -9.08
N GLY A 272 24.36 -5.68 -8.21
CA GLY A 272 25.81 -5.69 -8.11
C GLY A 272 26.26 -4.44 -7.38
N ASP A 273 25.34 -3.87 -6.61
CA ASP A 273 25.58 -2.65 -5.84
C ASP A 273 26.11 -3.06 -4.46
N SER A 274 27.37 -2.75 -4.18
CA SER A 274 27.95 -3.13 -2.90
C SER A 274 28.01 -2.02 -1.86
N VAL A 275 27.44 -0.85 -2.16
CA VAL A 275 27.50 0.23 -1.19
C VAL A 275 26.17 0.76 -0.67
N SER A 276 25.13 0.69 -1.50
CA SER A 276 23.83 1.22 -1.12
C SER A 276 23.15 0.63 0.12
N PHE A 277 23.31 -0.66 0.38
CA PHE A 277 22.65 -1.21 1.55
C PHE A 277 23.10 -0.45 2.81
N ASP A 278 24.41 -0.38 3.03
CA ASP A 278 24.92 0.32 4.19
C ASP A 278 24.56 1.82 4.14
N GLU A 279 24.57 2.41 2.95
CA GLU A 279 24.25 3.83 2.85
C GLU A 279 22.84 4.13 3.31
N TYR A 280 21.94 3.15 3.17
CA TYR A 280 20.55 3.32 3.58
C TYR A 280 20.24 2.83 4.99
N TRP A 281 20.98 1.82 5.47
CA TRP A 281 20.70 1.26 6.77
C TRP A 281 21.65 1.52 7.94
N LYS A 282 22.85 2.02 7.65
CA LYS A 282 23.81 2.33 8.70
C LYS A 282 23.27 3.49 9.54
N LYS A 283 23.68 3.55 10.81
CA LYS A 283 23.21 4.61 11.71
C LYS A 283 23.40 6.03 11.21
N ASP A 284 24.46 6.27 10.46
CA ASP A 284 24.77 7.61 9.95
C ASP A 284 24.20 7.88 8.56
N SER A 285 23.17 7.15 8.18
CA SER A 285 22.57 7.32 6.85
C SER A 285 21.93 8.68 6.64
N THR A 286 22.09 9.23 5.45
CA THR A 286 21.47 10.50 5.12
C THR A 286 20.30 10.21 4.18
N ALA A 287 19.99 8.92 4.01
CA ALA A 287 18.87 8.50 3.18
C ALA A 287 17.62 8.52 4.05
N GLU A 288 16.45 8.64 3.42
CA GLU A 288 15.19 8.67 4.14
C GLU A 288 14.51 7.30 4.05
N LEU A 289 13.92 6.86 5.15
CA LEU A 289 13.23 5.57 5.23
C LEU A 289 11.78 5.76 5.66
N TYR A 290 10.86 5.32 4.82
CA TYR A 290 9.43 5.46 5.10
C TYR A 290 8.65 4.15 4.96
N HIS A 291 7.78 3.90 5.91
CA HIS A 291 6.94 2.70 5.89
C HIS A 291 5.47 3.09 5.80
N PHE A 292 4.78 2.60 4.77
CA PHE A 292 3.34 2.85 4.64
C PHE A 292 2.73 1.60 5.28
N ILE A 293 1.88 1.80 6.28
CA ILE A 293 1.26 0.67 6.98
C ILE A 293 -0.18 0.99 7.38
N GLY A 294 -0.90 -0.05 7.80
CA GLY A 294 -2.27 0.10 8.24
C GLY A 294 -2.25 0.25 9.75
N LYS A 295 -3.34 0.77 10.31
CA LYS A 295 -3.41 1.00 11.76
C LYS A 295 -3.34 -0.24 12.64
N ASP A 296 -3.65 -1.42 12.09
CA ASP A 296 -3.60 -2.65 12.89
C ASP A 296 -2.19 -3.14 13.19
N ILE A 297 -1.19 -2.60 12.50
CA ILE A 297 0.18 -3.05 12.73
C ILE A 297 1.12 -1.92 13.14
N VAL A 298 0.54 -0.85 13.68
CA VAL A 298 1.34 0.29 14.11
C VAL A 298 2.21 -0.07 15.31
N TYR A 299 1.71 -0.94 16.18
CA TYR A 299 2.47 -1.35 17.36
C TYR A 299 3.82 -1.96 16.98
N PHE A 300 3.82 -2.86 16.00
CA PHE A 300 5.05 -3.51 15.57
C PHE A 300 6.03 -2.53 14.91
N HIS A 301 5.51 -1.60 14.12
CA HIS A 301 6.36 -0.65 13.42
C HIS A 301 6.81 0.57 14.20
N SER A 302 6.07 0.93 15.23
CA SER A 302 6.41 2.13 16.01
C SER A 302 7.12 1.84 17.32
N LEU A 303 6.99 0.61 17.82
CA LEU A 303 7.61 0.25 19.08
C LEU A 303 8.67 -0.85 18.93
N PHE A 304 8.25 -2.06 18.58
CA PHE A 304 9.22 -3.16 18.43
C PHE A 304 10.32 -2.89 17.40
N TRP A 305 9.91 -2.47 16.20
CA TRP A 305 10.83 -2.23 15.08
C TRP A 305 11.93 -1.20 15.33
N PRO A 306 11.57 0.04 15.71
CA PRO A 306 12.60 1.06 15.95
C PRO A 306 13.56 0.60 17.04
N ALA A 307 13.01 -0.09 18.04
CA ALA A 307 13.81 -0.60 19.15
C ALA A 307 14.78 -1.68 18.66
N MET A 308 14.28 -2.60 17.83
CA MET A 308 15.10 -3.67 17.27
C MET A 308 16.29 -3.10 16.50
N LEU A 309 16.02 -2.10 15.67
CA LEU A 309 17.05 -1.45 14.86
C LEU A 309 18.07 -0.76 15.75
N GLU A 310 17.58 0.03 16.71
CA GLU A 310 18.43 0.74 17.66
C GLU A 310 19.38 -0.22 18.36
N GLY A 311 18.82 -1.32 18.86
CA GLY A 311 19.61 -2.31 19.58
C GLY A 311 20.57 -3.11 18.73
N SER A 312 20.38 -3.07 17.41
CA SER A 312 21.25 -3.80 16.50
C SER A 312 22.13 -2.86 15.67
N ASN A 313 22.20 -1.60 16.07
CA ASN A 313 23.05 -0.61 15.40
C ASN A 313 22.66 -0.21 13.99
N PHE A 314 21.36 -0.14 13.71
CA PHE A 314 20.89 0.28 12.39
C PHE A 314 20.06 1.55 12.56
N ARG A 315 19.93 2.34 11.49
CA ARG A 315 19.14 3.56 11.55
C ARG A 315 17.66 3.17 11.71
N LYS A 316 16.86 4.11 12.18
CA LYS A 316 15.44 3.86 12.39
C LYS A 316 14.60 4.55 11.31
N PRO A 317 13.29 4.23 11.23
CA PRO A 317 12.42 4.84 10.23
C PRO A 317 12.43 6.36 10.33
N SER A 318 12.41 7.04 9.19
CA SER A 318 12.37 8.50 9.19
C SER A 318 10.95 8.88 9.56
N ASN A 319 10.00 8.08 9.11
CA ASN A 319 8.62 8.33 9.43
C ASN A 319 7.77 7.12 9.10
N LEU A 320 6.62 7.04 9.75
CA LEU A 320 5.67 5.96 9.48
C LEU A 320 4.46 6.70 8.91
N PHE A 321 3.94 6.20 7.80
CA PHE A 321 2.77 6.80 7.15
C PHE A 321 1.64 5.80 7.32
N VAL A 322 0.73 6.07 8.25
CA VAL A 322 -0.38 5.18 8.54
C VAL A 322 -1.70 5.60 7.89
N HIS A 323 -2.45 4.61 7.40
CA HIS A 323 -3.74 4.87 6.77
C HIS A 323 -4.81 4.06 7.49
N GLY A 324 -6.07 4.41 7.29
CA GLY A 324 -7.15 3.70 7.94
C GLY A 324 -7.61 2.47 7.17
N TYR A 325 -8.73 1.91 7.58
CA TYR A 325 -9.28 0.72 6.93
C TYR A 325 -10.07 1.11 5.70
N VAL A 326 -10.37 0.13 4.86
CA VAL A 326 -11.17 0.38 3.68
C VAL A 326 -12.56 -0.15 3.97
N THR A 327 -13.58 0.62 3.61
CA THR A 327 -14.95 0.17 3.79
C THR A 327 -15.58 0.25 2.41
N VAL A 328 -16.62 -0.54 2.20
CA VAL A 328 -17.33 -0.53 0.94
C VAL A 328 -18.78 -0.22 1.26
N ASN A 329 -19.28 0.86 0.67
CA ASN A 329 -20.65 1.31 0.92
C ASN A 329 -20.83 1.63 2.39
N GLY A 330 -19.78 2.18 3.00
CA GLY A 330 -19.83 2.57 4.40
C GLY A 330 -19.54 1.53 5.46
N ALA A 331 -19.45 0.26 5.09
CA ALA A 331 -19.19 -0.78 6.08
C ALA A 331 -18.00 -1.65 5.77
N LYS A 332 -17.53 -2.38 6.79
CA LYS A 332 -16.42 -3.29 6.62
C LYS A 332 -16.80 -4.23 5.47
N MET A 333 -15.81 -4.64 4.69
CA MET A 333 -16.09 -5.53 3.58
C MET A 333 -16.87 -6.75 4.08
N SER A 334 -17.90 -7.12 3.33
CA SER A 334 -18.77 -8.24 3.68
C SER A 334 -18.85 -9.28 2.57
N LYS A 335 -18.43 -10.50 2.87
CA LYS A 335 -18.46 -11.59 1.90
C LYS A 335 -19.89 -11.88 1.45
N SER A 336 -20.82 -11.91 2.40
CA SER A 336 -22.21 -12.20 2.09
C SER A 336 -22.84 -11.16 1.18
N ARG A 337 -22.43 -9.90 1.34
CA ARG A 337 -22.97 -8.82 0.51
C ARG A 337 -22.17 -8.66 -0.78
N GLY A 338 -21.09 -9.41 -0.90
CA GLY A 338 -20.26 -9.31 -2.09
C GLY A 338 -19.41 -8.05 -2.12
N THR A 339 -19.07 -7.54 -0.95
CA THR A 339 -18.23 -6.33 -0.90
C THR A 339 -16.82 -6.65 -0.46
N PHE A 340 -16.54 -7.93 -0.23
CA PHE A 340 -15.18 -8.34 0.11
C PHE A 340 -14.63 -8.61 -1.28
N ILE A 341 -13.98 -7.60 -1.84
CA ILE A 341 -13.46 -7.67 -3.19
C ILE A 341 -11.96 -7.91 -3.32
N LYS A 342 -11.59 -8.91 -4.12
CA LYS A 342 -10.20 -9.22 -4.36
C LYS A 342 -9.68 -8.32 -5.47
N ALA A 343 -8.39 -8.04 -5.43
CA ALA A 343 -7.76 -7.20 -6.44
C ALA A 343 -7.94 -7.83 -7.82
N SER A 344 -7.71 -9.13 -7.92
CA SER A 344 -7.84 -9.83 -9.19
C SER A 344 -9.26 -9.68 -9.74
N THR A 345 -10.26 -9.86 -8.88
CA THR A 345 -11.65 -9.74 -9.29
C THR A 345 -11.96 -8.34 -9.80
N TRP A 346 -11.46 -7.34 -9.08
CA TRP A 346 -11.69 -5.96 -9.48
C TRP A 346 -11.27 -5.72 -10.93
N LEU A 347 -10.11 -6.24 -11.29
CA LEU A 347 -9.56 -6.03 -12.63
C LEU A 347 -10.37 -6.69 -13.76
N ASN A 348 -11.25 -7.62 -13.41
CA ASN A 348 -12.11 -8.29 -14.39
C ASN A 348 -13.25 -7.35 -14.78
N HIS A 349 -13.52 -6.38 -13.91
CA HIS A 349 -14.63 -5.45 -14.11
C HIS A 349 -14.26 -4.01 -14.45
N PHE A 350 -13.20 -3.51 -13.81
CA PHE A 350 -12.75 -2.15 -14.01
C PHE A 350 -11.26 -2.09 -14.20
N ASP A 351 -10.77 -0.96 -14.71
CA ASP A 351 -9.33 -0.84 -14.88
C ASP A 351 -8.73 -0.41 -13.54
N ALA A 352 -7.40 -0.39 -13.48
CA ALA A 352 -6.70 -0.01 -12.26
C ALA A 352 -6.82 1.47 -11.98
N ASP A 353 -6.70 2.29 -13.03
CA ASP A 353 -6.79 3.74 -12.88
C ASP A 353 -8.05 4.24 -12.17
N SER A 354 -9.19 3.59 -12.41
CA SER A 354 -10.42 4.02 -11.76
C SER A 354 -10.31 3.95 -10.23
N LEU A 355 -9.85 2.82 -9.72
CA LEU A 355 -9.70 2.66 -8.28
C LEU A 355 -8.58 3.57 -7.75
N ARG A 356 -7.48 3.65 -8.49
CA ARG A 356 -6.37 4.50 -8.06
C ARG A 356 -6.88 5.93 -7.89
N TYR A 357 -7.65 6.41 -8.85
CA TYR A 357 -8.17 7.76 -8.76
C TYR A 357 -9.13 7.96 -7.59
N TYR A 358 -10.06 7.03 -7.43
CA TYR A 358 -11.05 7.13 -6.36
C TYR A 358 -10.41 7.20 -4.98
N TYR A 359 -9.53 6.24 -4.70
CA TYR A 359 -8.83 6.22 -3.41
C TYR A 359 -8.04 7.51 -3.21
N THR A 360 -7.34 7.93 -4.25
CA THR A 360 -6.53 9.13 -4.15
C THR A 360 -7.38 10.37 -3.86
N ALA A 361 -8.58 10.43 -4.45
CA ALA A 361 -9.46 11.57 -4.21
C ALA A 361 -9.94 11.65 -2.76
N LYS A 362 -9.93 10.51 -2.07
CA LYS A 362 -10.39 10.46 -0.69
C LYS A 362 -9.28 10.38 0.36
N LEU A 363 -8.06 10.11 -0.07
CA LEU A 363 -6.95 10.00 0.87
C LEU A 363 -6.46 11.33 1.42
N SER A 364 -5.91 11.27 2.63
CA SER A 364 -5.37 12.45 3.29
C SER A 364 -4.18 12.00 4.13
N SER A 365 -3.61 12.94 4.88
CA SER A 365 -2.46 12.63 5.73
C SER A 365 -2.88 12.05 7.07
N ARG A 366 -4.19 11.87 7.25
CA ARG A 366 -4.73 11.32 8.50
C ARG A 366 -4.96 9.82 8.39
N ILE A 367 -5.25 9.16 9.51
CA ILE A 367 -5.48 7.72 9.51
C ILE A 367 -6.94 7.28 9.43
N ASP A 368 -7.80 8.19 8.97
CA ASP A 368 -9.24 7.89 8.85
C ASP A 368 -9.55 6.82 7.81
N ASP A 369 -10.63 6.07 8.03
CA ASP A 369 -11.02 5.03 7.10
C ASP A 369 -11.38 5.64 5.76
N ILE A 370 -11.16 4.88 4.70
CA ILE A 370 -11.45 5.35 3.34
C ILE A 370 -12.64 4.53 2.85
N ASP A 371 -13.71 5.22 2.45
CA ASP A 371 -14.89 4.51 1.99
C ASP A 371 -15.06 4.42 0.48
N LEU A 372 -15.22 3.20 -0.02
CA LEU A 372 -15.46 2.99 -1.43
C LEU A 372 -16.96 2.84 -1.61
N ASN A 373 -17.63 3.95 -1.87
CA ASN A 373 -19.06 3.91 -2.11
C ASN A 373 -19.17 3.63 -3.61
N LEU A 374 -19.68 2.46 -3.95
CA LEU A 374 -19.76 2.06 -5.36
C LEU A 374 -20.60 2.99 -6.23
N GLU A 375 -21.69 3.51 -5.70
CA GLU A 375 -22.52 4.44 -6.46
C GLU A 375 -21.68 5.67 -6.76
N ASP A 376 -21.03 6.19 -5.72
CA ASP A 376 -20.18 7.37 -5.86
C ASP A 376 -19.01 7.11 -6.79
N PHE A 377 -18.50 5.88 -6.76
CA PHE A 377 -17.38 5.49 -7.61
C PHE A 377 -17.73 5.73 -9.08
N VAL A 378 -18.87 5.20 -9.51
CA VAL A 378 -19.29 5.39 -10.90
C VAL A 378 -19.44 6.87 -11.24
N GLN A 379 -20.11 7.61 -10.37
CA GLN A 379 -20.33 9.03 -10.60
C GLN A 379 -19.06 9.85 -10.65
N ARG A 380 -18.14 9.60 -9.70
CA ARG A 380 -16.89 10.35 -9.65
C ARG A 380 -15.96 10.07 -10.83
N VAL A 381 -15.84 8.80 -11.21
CA VAL A 381 -14.96 8.46 -12.33
C VAL A 381 -15.46 9.10 -13.62
N ASN A 382 -16.76 8.98 -13.87
CA ASN A 382 -17.34 9.56 -15.07
C ASN A 382 -17.27 11.08 -15.05
N ALA A 383 -17.62 11.68 -13.92
CA ALA A 383 -17.62 13.12 -13.79
C ALA A 383 -16.23 13.74 -13.90
N ASP A 384 -15.27 13.20 -13.14
CA ASP A 384 -13.91 13.73 -13.10
C ASP A 384 -12.96 13.29 -14.21
N ILE A 385 -12.78 11.98 -14.35
CA ILE A 385 -11.86 11.47 -15.36
C ILE A 385 -12.39 11.66 -16.78
N VAL A 386 -13.57 11.12 -17.06
CA VAL A 386 -14.15 11.25 -18.39
C VAL A 386 -14.60 12.66 -18.78
N ASN A 387 -15.46 13.27 -17.99
CA ASN A 387 -16.00 14.59 -18.32
C ASN A 387 -15.19 15.86 -18.03
N LYS A 388 -14.19 15.78 -17.16
CA LYS A 388 -13.41 16.99 -16.87
C LYS A 388 -12.04 16.94 -17.49
N VAL A 389 -11.27 15.90 -17.17
CA VAL A 389 -9.91 15.79 -17.69
C VAL A 389 -9.81 15.27 -19.12
N VAL A 390 -10.23 14.03 -19.34
CA VAL A 390 -10.15 13.46 -20.69
C VAL A 390 -10.95 14.27 -21.70
N ASN A 391 -12.04 14.86 -21.23
CA ASN A 391 -12.90 15.67 -22.08
C ASN A 391 -12.11 16.76 -22.79
N LEU A 392 -11.23 17.41 -22.02
CA LEU A 392 -10.39 18.49 -22.53
C LEU A 392 -9.61 18.06 -23.76
N ALA A 393 -9.20 16.81 -23.79
CA ALA A 393 -8.45 16.28 -24.92
C ALA A 393 -9.38 15.86 -26.05
N SER A 394 -10.39 15.05 -25.71
CA SER A 394 -11.33 14.55 -26.70
C SER A 394 -12.17 15.61 -27.43
N ARG A 395 -12.48 16.71 -26.75
CA ARG A 395 -13.29 17.74 -27.38
C ARG A 395 -12.48 18.65 -28.29
N ASN A 396 -11.15 18.56 -28.22
CA ASN A 396 -10.29 19.40 -29.03
C ASN A 396 -9.39 18.70 -30.05
N ALA A 397 -8.99 17.47 -29.74
CA ALA A 397 -8.11 16.70 -30.63
C ALA A 397 -8.66 16.51 -32.04
N GLY A 398 -9.96 16.21 -32.13
CA GLY A 398 -10.59 16.00 -33.42
C GLY A 398 -10.36 17.12 -34.42
N PHE A 399 -10.62 18.35 -34.01
CA PHE A 399 -10.43 19.49 -34.89
C PHE A 399 -8.97 19.65 -35.31
N ILE A 400 -8.06 19.43 -34.36
CA ILE A 400 -6.64 19.55 -34.66
C ILE A 400 -6.19 18.52 -35.68
N ASN A 401 -6.57 17.27 -35.46
CA ASN A 401 -6.18 16.20 -36.37
C ASN A 401 -6.84 16.30 -37.75
N LYS A 402 -8.13 16.63 -37.79
CA LYS A 402 -8.84 16.71 -39.05
C LYS A 402 -8.68 18.01 -39.84
N ARG A 403 -8.60 19.14 -39.15
CA ARG A 403 -8.49 20.45 -39.80
C ARG A 403 -7.07 21.01 -39.90
N PHE A 404 -6.19 20.60 -39.00
CA PHE A 404 -4.84 21.15 -39.01
C PHE A 404 -3.68 20.14 -39.06
N ASP A 405 -3.95 18.98 -39.66
CA ASP A 405 -2.93 17.94 -39.81
C ASP A 405 -2.23 17.58 -38.49
N GLY A 406 -2.98 17.65 -37.40
CA GLY A 406 -2.44 17.32 -36.09
C GLY A 406 -1.47 18.32 -35.50
N VAL A 407 -1.34 19.49 -36.13
CA VAL A 407 -0.40 20.49 -35.64
C VAL A 407 -1.01 21.53 -34.71
N LEU A 408 -0.41 21.68 -33.53
CA LEU A 408 -0.86 22.66 -32.54
C LEU A 408 -0.35 24.06 -32.91
N ALA A 409 -1.11 25.08 -32.51
CA ALA A 409 -0.79 26.48 -32.78
C ALA A 409 0.61 26.89 -32.35
N SER A 410 1.14 27.92 -32.99
CA SER A 410 2.49 28.41 -32.69
C SER A 410 2.57 29.23 -31.41
N GLU A 411 1.42 29.65 -30.86
CA GLU A 411 1.39 30.42 -29.63
C GLU A 411 0.17 30.08 -28.78
N LEU A 412 0.29 30.29 -27.47
CA LEU A 412 -0.81 30.03 -26.55
C LEU A 412 -1.88 31.11 -26.77
N ALA A 413 -3.13 30.71 -26.92
CA ALA A 413 -4.20 31.66 -27.13
C ALA A 413 -4.42 32.53 -25.89
N ASP A 414 -4.23 31.92 -24.71
CA ASP A 414 -4.43 32.63 -23.45
C ASP A 414 -3.28 32.37 -22.46
N PRO A 415 -2.17 33.08 -22.63
CA PRO A 415 -0.99 32.94 -21.77
C PRO A 415 -1.29 33.08 -20.28
N GLN A 416 -2.14 34.04 -19.91
CA GLN A 416 -2.47 34.24 -18.50
C GLN A 416 -3.13 33.01 -17.91
N LEU A 417 -4.08 32.45 -18.64
CA LEU A 417 -4.77 31.27 -18.16
C LEU A 417 -3.76 30.15 -17.95
N TYR A 418 -2.84 30.01 -18.90
CA TYR A 418 -1.83 28.96 -18.80
C TYR A 418 -0.96 29.17 -17.57
N LYS A 419 -0.60 30.42 -17.30
CA LYS A 419 0.24 30.71 -16.14
C LYS A 419 -0.49 30.32 -14.85
N THR A 420 -1.82 30.50 -14.84
CA THR A 420 -2.60 30.13 -13.67
C THR A 420 -2.41 28.63 -13.42
N PHE A 421 -2.40 27.86 -14.50
CA PHE A 421 -2.22 26.42 -14.40
C PHE A 421 -0.83 26.03 -13.92
N THR A 422 0.21 26.61 -14.52
CA THR A 422 1.57 26.28 -14.10
C THR A 422 1.88 26.79 -12.70
N ASP A 423 1.27 27.92 -12.33
CA ASP A 423 1.46 28.52 -11.00
C ASP A 423 0.96 27.58 -9.89
N ALA A 424 0.03 26.70 -10.22
CA ALA A 424 -0.53 25.79 -9.23
C ALA A 424 0.36 24.58 -8.93
N ALA A 425 1.44 24.41 -9.69
CA ALA A 425 2.33 23.27 -9.49
C ALA A 425 2.89 23.21 -8.08
N GLU A 426 3.29 24.36 -7.53
CA GLU A 426 3.85 24.38 -6.18
C GLU A 426 2.91 23.82 -5.12
N VAL A 427 1.68 24.30 -5.08
CA VAL A 427 0.71 23.82 -4.09
C VAL A 427 0.31 22.38 -4.34
N ILE A 428 0.10 22.02 -5.60
CA ILE A 428 -0.28 20.65 -5.92
C ILE A 428 0.82 19.68 -5.54
N GLY A 429 2.07 20.01 -5.89
CA GLY A 429 3.18 19.14 -5.56
C GLY A 429 3.34 19.00 -4.06
N GLU A 430 3.11 20.09 -3.32
CA GLU A 430 3.22 20.07 -1.87
C GLU A 430 2.14 19.17 -1.27
N ALA A 431 0.99 19.11 -1.92
CA ALA A 431 -0.12 18.27 -1.46
C ALA A 431 0.27 16.81 -1.68
N TRP A 432 0.89 16.51 -2.82
CA TRP A 432 1.33 15.13 -3.10
C TRP A 432 2.42 14.80 -2.09
N GLU A 433 3.36 15.71 -1.90
CA GLU A 433 4.46 15.51 -0.98
C GLU A 433 3.99 15.22 0.45
N SER A 434 3.05 16.03 0.93
CA SER A 434 2.52 15.89 2.28
C SER A 434 1.46 14.81 2.43
N ARG A 435 1.16 14.12 1.33
CA ARG A 435 0.18 13.04 1.35
C ARG A 435 -1.27 13.52 1.47
N GLU A 436 -1.49 14.81 1.21
CA GLU A 436 -2.85 15.37 1.23
C GLU A 436 -3.35 15.15 -0.20
N PHE A 437 -3.56 13.89 -0.54
CA PHE A 437 -4.01 13.52 -1.87
C PHE A 437 -5.33 14.16 -2.24
N GLY A 438 -6.29 14.09 -1.31
CA GLY A 438 -7.59 14.66 -1.55
C GLY A 438 -7.47 16.13 -1.93
N LYS A 439 -6.58 16.85 -1.26
CA LYS A 439 -6.39 18.26 -1.55
C LYS A 439 -5.84 18.44 -2.96
N ALA A 440 -4.84 17.65 -3.31
CA ALA A 440 -4.25 17.72 -4.64
C ALA A 440 -5.31 17.50 -5.71
N VAL A 441 -6.14 16.48 -5.51
CA VAL A 441 -7.19 16.19 -6.49
C VAL A 441 -8.19 17.35 -6.59
N ARG A 442 -8.59 17.91 -5.46
CA ARG A 442 -9.54 19.03 -5.48
C ARG A 442 -8.96 20.20 -6.29
N GLU A 443 -7.69 20.50 -6.06
CA GLU A 443 -7.03 21.58 -6.77
C GLU A 443 -6.94 21.27 -8.28
N ILE A 444 -6.60 20.03 -8.61
CA ILE A 444 -6.49 19.63 -10.00
C ILE A 444 -7.84 19.73 -10.70
N MET A 445 -8.90 19.23 -10.06
CA MET A 445 -10.22 19.28 -10.67
C MET A 445 -10.73 20.72 -10.76
N ALA A 446 -10.30 21.58 -9.83
CA ALA A 446 -10.71 22.97 -9.87
C ALA A 446 -10.11 23.58 -11.16
N LEU A 447 -8.88 23.17 -11.47
CA LEU A 447 -8.22 23.64 -12.68
C LEU A 447 -8.95 23.05 -13.89
N ALA A 448 -9.38 21.80 -13.78
CA ALA A 448 -10.10 21.15 -14.87
C ALA A 448 -11.37 21.93 -15.20
N ASP A 449 -12.12 22.34 -14.17
CA ASP A 449 -13.35 23.11 -14.40
C ASP A 449 -13.03 24.44 -15.09
N LEU A 450 -11.93 25.05 -14.66
CA LEU A 450 -11.49 26.31 -15.22
C LEU A 450 -11.16 26.11 -16.70
N ALA A 451 -10.51 24.99 -17.02
CA ALA A 451 -10.15 24.69 -18.40
C ALA A 451 -11.39 24.48 -19.26
N ASN A 452 -12.36 23.75 -18.74
CA ASN A 452 -13.58 23.50 -19.49
C ASN A 452 -14.42 24.74 -19.66
N ARG A 453 -14.35 25.65 -18.68
CA ARG A 453 -15.10 26.89 -18.77
C ARG A 453 -14.48 27.71 -19.90
N TYR A 454 -13.16 27.66 -20.00
CA TYR A 454 -12.45 28.37 -21.05
C TYR A 454 -12.95 27.89 -22.42
N VAL A 455 -12.98 26.57 -22.60
CA VAL A 455 -13.43 25.99 -23.86
C VAL A 455 -14.89 26.35 -24.13
N ASP A 456 -15.72 26.27 -23.10
CA ASP A 456 -17.13 26.62 -23.25
C ASP A 456 -17.26 28.08 -23.70
N GLU A 457 -16.46 28.95 -23.10
CA GLU A 457 -16.48 30.38 -23.43
C GLU A 457 -16.08 30.65 -24.87
N GLN A 458 -15.14 29.86 -25.39
CA GLN A 458 -14.68 30.04 -26.76
C GLN A 458 -15.60 29.34 -27.77
N ALA A 459 -16.39 28.40 -27.27
CA ALA A 459 -17.35 27.64 -28.09
C ALA A 459 -16.77 27.17 -29.42
N PRO A 460 -15.79 26.26 -29.37
CA PRO A 460 -15.19 25.75 -30.61
C PRO A 460 -16.21 25.09 -31.54
N TRP A 461 -17.31 24.57 -30.98
CA TRP A 461 -18.33 23.93 -31.81
C TRP A 461 -19.03 24.99 -32.67
N VAL A 462 -18.98 26.23 -32.22
CA VAL A 462 -19.58 27.34 -32.95
C VAL A 462 -18.56 27.89 -33.97
N VAL A 463 -17.34 28.15 -33.49
CA VAL A 463 -16.28 28.66 -34.33
C VAL A 463 -15.99 27.75 -35.52
N ALA A 464 -16.07 26.44 -35.29
CA ALA A 464 -15.80 25.46 -36.33
C ALA A 464 -16.68 25.62 -37.57
N LYS A 465 -17.92 26.04 -37.38
CA LYS A 465 -18.85 26.20 -38.50
C LYS A 465 -18.89 27.59 -39.11
N GLN A 466 -18.02 28.49 -38.66
CA GLN A 466 -18.01 29.85 -39.18
C GLN A 466 -16.83 30.11 -40.13
N GLU A 467 -17.15 30.66 -41.30
CA GLU A 467 -16.16 30.94 -42.32
C GLU A 467 -15.00 31.84 -41.91
N GLY A 468 -13.80 31.44 -42.30
CA GLY A 468 -12.60 32.22 -42.00
C GLY A 468 -12.07 32.18 -40.58
N ARG A 469 -12.69 31.37 -39.73
CA ARG A 469 -12.26 31.27 -38.33
C ARG A 469 -11.30 30.11 -38.06
N ASP A 470 -10.71 29.56 -39.12
CA ASP A 470 -9.78 28.44 -38.97
C ASP A 470 -8.69 28.73 -37.96
N ALA A 471 -8.06 29.90 -38.08
CA ALA A 471 -6.99 30.30 -37.17
C ALA A 471 -7.44 30.27 -35.72
N ASP A 472 -8.61 30.84 -35.45
CA ASP A 472 -9.15 30.88 -34.09
C ASP A 472 -9.46 29.47 -33.57
N LEU A 473 -9.96 28.60 -34.44
CA LEU A 473 -10.28 27.25 -34.02
C LEU A 473 -9.02 26.51 -33.57
N GLN A 474 -7.98 26.57 -34.38
CA GLN A 474 -6.74 25.90 -34.03
C GLN A 474 -6.19 26.47 -32.72
N ALA A 475 -6.33 27.78 -32.54
CA ALA A 475 -5.84 28.44 -31.33
C ALA A 475 -6.58 27.92 -30.09
N ILE A 476 -7.90 27.92 -30.16
CA ILE A 476 -8.74 27.47 -29.06
C ILE A 476 -8.47 26.02 -28.67
N CYS A 477 -8.47 25.14 -29.66
CA CYS A 477 -8.27 23.71 -29.42
C CYS A 477 -6.87 23.40 -28.94
N SER A 478 -5.86 24.12 -29.41
CA SER A 478 -4.49 23.89 -28.97
C SER A 478 -4.38 24.31 -27.51
N MET A 479 -5.06 25.40 -27.16
CA MET A 479 -5.06 25.90 -25.79
C MET A 479 -5.63 24.84 -24.86
N GLY A 480 -6.76 24.25 -25.24
CA GLY A 480 -7.38 23.22 -24.43
C GLY A 480 -6.45 22.04 -24.25
N ILE A 481 -5.80 21.64 -25.33
CA ILE A 481 -4.88 20.52 -25.30
C ILE A 481 -3.67 20.80 -24.41
N ASN A 482 -3.21 22.05 -24.38
CA ASN A 482 -2.08 22.38 -23.51
C ASN A 482 -2.49 22.37 -22.04
N LEU A 483 -3.74 22.74 -21.76
CA LEU A 483 -4.22 22.73 -20.38
C LEU A 483 -4.31 21.25 -19.97
N PHE A 484 -4.72 20.41 -20.90
CA PHE A 484 -4.84 18.97 -20.66
C PHE A 484 -3.43 18.45 -20.33
N ARG A 485 -2.44 18.91 -21.09
CA ARG A 485 -1.04 18.50 -20.88
C ARG A 485 -0.65 18.74 -19.43
N VAL A 486 -0.94 19.93 -18.91
CA VAL A 486 -0.60 20.27 -17.53
C VAL A 486 -1.38 19.43 -16.52
N LEU A 487 -2.69 19.27 -16.73
CA LEU A 487 -3.50 18.48 -15.81
C LEU A 487 -3.02 17.04 -15.74
N MET A 488 -2.70 16.45 -16.90
CA MET A 488 -2.23 15.07 -16.92
C MET A 488 -0.89 14.94 -16.24
N THR A 489 -0.12 16.02 -16.20
CA THR A 489 1.19 15.98 -15.54
C THR A 489 0.97 15.89 -14.04
N TYR A 490 0.04 16.69 -13.52
CA TYR A 490 -0.27 16.69 -12.09
C TYR A 490 -0.89 15.35 -11.68
N LEU A 491 -1.58 14.70 -12.62
CA LEU A 491 -2.24 13.42 -12.35
C LEU A 491 -1.39 12.20 -12.71
N LYS A 492 -0.22 12.43 -13.27
CA LYS A 492 0.66 11.32 -13.67
C LYS A 492 0.93 10.31 -12.56
N PRO A 493 1.14 10.77 -11.32
CA PRO A 493 1.40 9.81 -10.25
C PRO A 493 0.16 8.97 -9.94
N VAL A 494 -1.00 9.49 -10.29
CA VAL A 494 -2.25 8.81 -10.01
C VAL A 494 -2.78 7.85 -11.08
N LEU A 495 -2.65 8.24 -12.35
CA LEU A 495 -3.17 7.42 -13.45
C LEU A 495 -2.09 7.03 -14.45
N PRO A 496 -1.28 6.01 -14.11
CA PRO A 496 -0.20 5.53 -14.98
C PRO A 496 -0.62 5.15 -16.39
N LYS A 497 -1.71 4.41 -16.52
CA LYS A 497 -2.15 3.97 -17.84
C LYS A 497 -2.71 5.09 -18.70
N LEU A 498 -3.62 5.88 -18.14
CA LEU A 498 -4.17 7.00 -18.88
C LEU A 498 -3.04 7.94 -19.24
N THR A 499 -2.04 8.05 -18.36
CA THR A 499 -0.92 8.94 -18.65
C THR A 499 -0.14 8.43 -19.87
N GLU A 500 0.04 7.11 -19.96
CA GLU A 500 0.77 6.58 -21.09
C GLU A 500 0.01 6.89 -22.38
N ARG A 501 -1.29 6.70 -22.35
CA ARG A 501 -2.11 6.98 -23.52
C ARG A 501 -2.07 8.47 -23.83
N ALA A 502 -2.05 9.30 -22.80
CA ALA A 502 -1.99 10.75 -22.99
C ALA A 502 -0.64 11.14 -23.60
N GLU A 503 0.44 10.52 -23.14
CA GLU A 503 1.76 10.83 -23.69
C GLU A 503 1.89 10.39 -25.15
N ALA A 504 1.23 9.29 -25.51
CA ALA A 504 1.28 8.81 -26.89
C ALA A 504 0.54 9.81 -27.79
N PHE A 505 -0.60 10.29 -27.31
CA PHE A 505 -1.39 11.27 -28.06
C PHE A 505 -0.60 12.57 -28.21
N LEU A 506 -0.05 13.05 -27.10
CA LEU A 506 0.71 14.29 -27.08
C LEU A 506 2.09 14.20 -27.71
N ASN A 507 2.59 12.99 -27.94
CA ASN A 507 3.92 12.80 -28.53
C ASN A 507 5.00 13.39 -27.63
N THR A 508 4.85 13.18 -26.33
CA THR A 508 5.83 13.68 -25.39
C THR A 508 5.67 13.05 -24.03
N GLU A 509 6.80 12.85 -23.35
CA GLU A 509 6.79 12.32 -22.01
C GLU A 509 6.43 13.50 -21.11
N LEU A 510 5.58 13.27 -20.13
CA LEU A 510 5.17 14.35 -19.23
C LEU A 510 6.10 14.41 -18.04
N THR A 511 6.79 15.54 -17.88
CA THR A 511 7.69 15.72 -16.75
C THR A 511 7.18 16.90 -15.94
N TRP A 512 7.50 16.91 -14.65
CA TRP A 512 7.04 17.98 -13.79
C TRP A 512 7.44 19.38 -14.27
N ASP A 513 8.71 19.57 -14.59
CA ASP A 513 9.18 20.89 -15.05
C ASP A 513 8.78 21.19 -16.49
N GLY A 514 8.48 20.15 -17.27
CA GLY A 514 8.10 20.34 -18.66
C GLY A 514 6.92 21.24 -18.93
N ILE A 515 6.01 21.34 -17.96
CA ILE A 515 4.82 22.18 -18.14
C ILE A 515 5.17 23.64 -18.38
N GLN A 516 6.38 24.05 -18.01
CA GLN A 516 6.81 25.43 -18.20
C GLN A 516 7.02 25.76 -19.68
N GLN A 517 7.08 24.72 -20.50
CA GLN A 517 7.25 24.88 -21.94
C GLN A 517 6.02 24.29 -22.63
N PRO A 518 5.01 25.11 -22.95
CA PRO A 518 3.83 24.55 -23.61
C PRO A 518 4.18 23.98 -24.98
N LEU A 519 3.30 23.13 -25.51
CA LEU A 519 3.52 22.51 -26.81
C LEU A 519 3.07 23.47 -27.90
N LEU A 520 4.04 24.02 -28.63
CA LEU A 520 3.76 24.98 -29.69
C LEU A 520 4.28 24.46 -31.03
N GLY A 521 3.49 24.63 -32.09
CA GLY A 521 3.88 24.16 -33.41
C GLY A 521 4.37 22.73 -33.23
N HIS A 522 3.53 21.96 -32.56
CA HIS A 522 3.82 20.58 -32.20
C HIS A 522 2.80 19.58 -32.73
N LYS A 523 3.28 18.46 -33.24
CA LYS A 523 2.42 17.43 -33.81
C LYS A 523 1.89 16.45 -32.76
N VAL A 524 0.57 16.26 -32.75
CA VAL A 524 -0.05 15.32 -31.83
C VAL A 524 -0.58 14.17 -32.69
N ASN A 525 -0.86 13.03 -32.06
CA ASN A 525 -1.35 11.87 -32.81
C ASN A 525 -2.84 11.64 -32.59
N PRO A 526 -3.47 10.90 -33.50
CA PRO A 526 -4.90 10.63 -33.32
C PRO A 526 -5.02 9.62 -32.19
N PHE A 527 -6.18 9.53 -31.56
CA PHE A 527 -6.38 8.54 -30.50
C PHE A 527 -7.83 8.11 -30.41
N LYS A 528 -8.00 6.83 -30.13
CA LYS A 528 -9.31 6.23 -29.95
C LYS A 528 -9.57 6.39 -28.44
N ALA A 529 -10.84 6.39 -28.05
CA ALA A 529 -11.23 6.53 -26.63
C ALA A 529 -10.10 6.49 -25.59
N LEU A 530 -9.73 7.62 -24.99
CA LEU A 530 -8.68 7.61 -23.97
C LEU A 530 -9.20 7.02 -22.68
N TYR A 531 -10.50 7.14 -22.45
CA TYR A 531 -11.11 6.63 -21.23
C TYR A 531 -12.63 6.60 -21.39
N ASN A 532 -13.23 5.43 -21.25
CA ASN A 532 -14.67 5.28 -21.40
C ASN A 532 -15.42 5.38 -20.07
N ARG A 533 -16.71 5.69 -20.15
CA ARG A 533 -17.57 5.80 -18.98
C ARG A 533 -17.87 4.42 -18.41
N ILE A 534 -18.20 4.38 -17.12
CA ILE A 534 -18.55 3.13 -16.48
C ILE A 534 -20.00 3.28 -16.00
N ASP A 535 -20.63 2.20 -15.60
CA ASP A 535 -22.01 2.28 -15.14
C ASP A 535 -22.32 1.31 -14.01
N MET A 536 -23.42 1.57 -13.33
CA MET A 536 -23.85 0.74 -12.20
C MET A 536 -24.04 -0.73 -12.54
N ARG A 537 -24.27 -1.06 -13.81
CA ARG A 537 -24.43 -2.46 -14.18
C ARG A 537 -23.12 -3.19 -13.91
N GLN A 538 -22.01 -2.54 -14.20
CA GLN A 538 -20.68 -3.12 -13.97
C GLN A 538 -20.45 -3.30 -12.48
N VAL A 539 -20.94 -2.35 -11.69
CA VAL A 539 -20.80 -2.42 -10.24
C VAL A 539 -21.60 -3.62 -9.73
N GLU A 540 -22.80 -3.80 -10.28
CA GLU A 540 -23.65 -4.91 -9.87
C GLU A 540 -22.99 -6.24 -10.20
N ALA A 541 -22.32 -6.29 -11.35
CA ALA A 541 -21.63 -7.51 -11.78
C ALA A 541 -20.48 -7.85 -10.85
N LEU A 542 -19.75 -6.82 -10.43
CA LEU A 542 -18.61 -6.98 -9.54
C LEU A 542 -19.06 -7.54 -8.21
N VAL A 543 -20.13 -6.97 -7.67
CA VAL A 543 -20.67 -7.41 -6.39
C VAL A 543 -21.17 -8.86 -6.48
N GLU A 544 -21.88 -9.16 -7.57
CA GLU A 544 -22.40 -10.52 -7.77
C GLU A 544 -21.29 -11.54 -7.94
N ALA A 545 -20.23 -11.15 -8.64
CA ALA A 545 -19.11 -12.06 -8.86
C ALA A 545 -18.41 -12.30 -7.53
N SER A 546 -18.32 -11.24 -6.71
CA SER A 546 -17.66 -11.35 -5.42
C SER A 546 -18.47 -12.22 -4.45
N LYS A 547 -19.79 -12.22 -4.60
CA LYS A 547 -20.64 -13.05 -3.76
C LYS A 547 -20.39 -14.52 -4.04
N GLU A 548 -20.23 -14.85 -5.31
CA GLU A 548 -20.00 -16.23 -5.75
C GLU A 548 -18.55 -16.68 -5.55
#